data_6MW1
# 
_entry.id   6MW1 
# 
_audit_conform.dict_name       mmcif_pdbx.dic 
_audit_conform.dict_version    5.398 
_audit_conform.dict_location   http://mmcif.pdb.org/dictionaries/ascii/mmcif_pdbx.dic 
# 
loop_
_database_2.database_id 
_database_2.database_code 
_database_2.pdbx_database_accession 
_database_2.pdbx_DOI 
PDB   6MW1         pdb_00006mw1 10.2210/pdb6mw1/pdb 
WWPDB D_1000237718 ?            ?                   
# 
loop_
_pdbx_audit_revision_history.ordinal 
_pdbx_audit_revision_history.data_content_type 
_pdbx_audit_revision_history.major_revision 
_pdbx_audit_revision_history.minor_revision 
_pdbx_audit_revision_history.revision_date 
1 'Structure model' 1 0 2019-09-11 
2 'Structure model' 1 1 2024-11-06 
# 
_pdbx_audit_revision_details.ordinal             1 
_pdbx_audit_revision_details.revision_ordinal    1 
_pdbx_audit_revision_details.data_content_type   'Structure model' 
_pdbx_audit_revision_details.provider            repository 
_pdbx_audit_revision_details.type                'Initial release' 
_pdbx_audit_revision_details.description         ? 
_pdbx_audit_revision_details.details             ? 
# 
loop_
_pdbx_audit_revision_group.ordinal 
_pdbx_audit_revision_group.revision_ordinal 
_pdbx_audit_revision_group.data_content_type 
_pdbx_audit_revision_group.group 
1 2 'Structure model' 'Data collection'      
2 2 'Structure model' 'Database references'  
3 2 'Structure model' 'Derived calculations' 
4 2 'Structure model' 'Structure summary'    
# 
loop_
_pdbx_audit_revision_category.ordinal 
_pdbx_audit_revision_category.revision_ordinal 
_pdbx_audit_revision_category.data_content_type 
_pdbx_audit_revision_category.category 
1 2 'Structure model' chem_comp_atom            
2 2 'Structure model' chem_comp_bond            
3 2 'Structure model' database_2                
4 2 'Structure model' pdbx_entry_details        
5 2 'Structure model' pdbx_modification_feature 
6 2 'Structure model' struct_conn               
# 
loop_
_pdbx_audit_revision_item.ordinal 
_pdbx_audit_revision_item.revision_ordinal 
_pdbx_audit_revision_item.data_content_type 
_pdbx_audit_revision_item.item 
1 2 'Structure model' '_database_2.pdbx_DOI'                
2 2 'Structure model' '_database_2.pdbx_database_accession' 
3 2 'Structure model' '_struct_conn.pdbx_dist_value'        
4 2 'Structure model' '_struct_conn.ptnr1_label_atom_id'    
5 2 'Structure model' '_struct_conn.ptnr2_auth_seq_id'      
6 2 'Structure model' '_struct_conn.ptnr2_label_atom_id'    
7 2 'Structure model' '_struct_conn.ptnr2_label_seq_id'     
# 
_pdbx_database_status.status_code                     REL 
_pdbx_database_status.status_code_sf                  REL 
_pdbx_database_status.status_code_mr                  ? 
_pdbx_database_status.entry_id                        6MW1 
_pdbx_database_status.recvd_initial_deposition_date   2018-10-29 
_pdbx_database_status.SG_entry                        N 
_pdbx_database_status.deposit_site                    RCSB 
_pdbx_database_status.process_site                    RCSB 
_pdbx_database_status.status_code_cs                  ? 
_pdbx_database_status.methods_development_category    ? 
_pdbx_database_status.pdb_format_compatible           Y 
_pdbx_database_status.status_code_nmr_data            ? 
# 
loop_
_pdbx_database_related.db_name 
_pdbx_database_related.details 
_pdbx_database_related.db_id 
_pdbx_database_related.content_type 
PDB 'linear version of this tetrapeptide'                     6MVZ unspecified 
PDB 'linear version of this tetrapeptide with terminal D-Phe' 6MW0 unspecified 
# 
loop_
_audit_author.name 
_audit_author.pdbx_ordinal 
_audit_author.identifier_ORCID 
'Cameron, A.J.'  1 0000-0003-0680-6921 
'Harris, P.W.R.' 2 0000-0002-2579-4543 
'Brimble, M.A.'  3 0000-0002-7086-4096 
'Squire, C.J.'   4 0000-0001-9212-0461 
# 
_citation.abstract                  ? 
_citation.abstract_id_CAS           ? 
_citation.book_id_ISBN              ? 
_citation.book_publisher            ? 
_citation.book_publisher_city       ? 
_citation.book_title                ? 
_citation.coordinate_linkage        ? 
_citation.country                   UK 
_citation.database_id_Medline       ? 
_citation.details                   ? 
_citation.id                        primary 
_citation.journal_abbrev            Org.Biomol.Chem. 
_citation.journal_id_ASTM           ? 
_citation.journal_id_CSD            ? 
_citation.journal_id_ISSN           1477-0539 
_citation.journal_full              ? 
_citation.journal_issue             ? 
_citation.journal_volume            17 
_citation.language                  ? 
_citation.page_first                3902 
_citation.page_last                 3913 
_citation.title                     
'Investigations of the key macrolactamisation step in the synthesis of cyclic tetrapeptide pseudoxylallemycin A.' 
_citation.year                      2019 
_citation.database_id_CSD           ? 
_citation.pdbx_database_id_DOI      10.1039/c9ob00227h 
_citation.pdbx_database_id_PubMed   30941386 
_citation.unpublished_flag          ? 
# 
loop_
_citation_author.citation_id 
_citation_author.name 
_citation_author.ordinal 
_citation_author.identifier_ORCID 
primary 'Cameron, A.J.'  1 ? 
primary 'Squire, C.J.'   2 ? 
primary 'Gerenton, A.'   3 ? 
primary 'Stubbing, L.A.' 4 ? 
primary 'Harris, P.W.R.' 5 ? 
primary 'Brimble, M.A.'  6 ? 
# 
loop_
_entity.id 
_entity.type 
_entity.src_method 
_entity.pdbx_description 
_entity.formula_weight 
_entity.pdbx_number_of_molecules 
_entity.pdbx_ec 
_entity.pdbx_mutation 
_entity.pdbx_fragment 
_entity.details 
1 polymer syn 'Pseudoxylallemycin A' 566.730 1 ? ? ? ? 
2 water   nat water                  18.015  1 ? ? ? ? 
# 
_entity_poly.entity_id                      1 
_entity_poly.type                           'polypeptide(L)' 
_entity_poly.nstd_linkage                   no 
_entity_poly.nstd_monomer                   yes 
_entity_poly.pdbx_seq_one_letter_code       '(MLE)F(MLE)F' 
_entity_poly.pdbx_seq_one_letter_code_can   LFLF 
_entity_poly.pdbx_strand_id                 A 
_entity_poly.pdbx_target_identifier         ? 
# 
_pdbx_entity_nonpoly.entity_id   2 
_pdbx_entity_nonpoly.name        water 
_pdbx_entity_nonpoly.comp_id     HOH 
# 
loop_
_entity_poly_seq.entity_id 
_entity_poly_seq.num 
_entity_poly_seq.mon_id 
_entity_poly_seq.hetero 
1 1 MLE n 
1 2 PHE n 
1 3 MLE n 
1 4 PHE n 
# 
_pdbx_entity_src_syn.entity_id              1 
_pdbx_entity_src_syn.pdbx_src_id            1 
_pdbx_entity_src_syn.pdbx_alt_source_flag   sample 
_pdbx_entity_src_syn.pdbx_beg_seq_num       1 
_pdbx_entity_src_syn.pdbx_end_seq_num       4 
_pdbx_entity_src_syn.organism_scientific    Xylaria 
_pdbx_entity_src_syn.organism_common_name   ? 
_pdbx_entity_src_syn.ncbi_taxonomy_id       37991 
_pdbx_entity_src_syn.details                ? 
# 
loop_
_chem_comp.id 
_chem_comp.type 
_chem_comp.mon_nstd_flag 
_chem_comp.name 
_chem_comp.pdbx_synonyms 
_chem_comp.formula 
_chem_comp.formula_weight 
HOH non-polymer         . WATER           ? 'H2 O'        18.015  
MLE 'L-peptide linking' n N-METHYLLEUCINE ? 'C7 H15 N O2' 145.199 
PHE 'L-peptide linking' y PHENYLALANINE   ? 'C9 H11 N O2' 165.189 
# 
loop_
_pdbx_poly_seq_scheme.asym_id 
_pdbx_poly_seq_scheme.entity_id 
_pdbx_poly_seq_scheme.seq_id 
_pdbx_poly_seq_scheme.mon_id 
_pdbx_poly_seq_scheme.ndb_seq_num 
_pdbx_poly_seq_scheme.pdb_seq_num 
_pdbx_poly_seq_scheme.auth_seq_num 
_pdbx_poly_seq_scheme.pdb_mon_id 
_pdbx_poly_seq_scheme.auth_mon_id 
_pdbx_poly_seq_scheme.pdb_strand_id 
_pdbx_poly_seq_scheme.pdb_ins_code 
_pdbx_poly_seq_scheme.hetero 
A 1 1 MLE 1 1001 1001 MLE MLE A . n 
A 1 2 PHE 2 1002 1002 PHE PHE A . n 
A 1 3 MLE 3 1003 1003 MLE MLE A . n 
A 1 4 PHE 4 1004 1004 PHE PHE A . n 
# 
_pdbx_nonpoly_scheme.asym_id         B 
_pdbx_nonpoly_scheme.entity_id       2 
_pdbx_nonpoly_scheme.mon_id          HOH 
_pdbx_nonpoly_scheme.ndb_seq_num     1 
_pdbx_nonpoly_scheme.pdb_seq_num     2001 
_pdbx_nonpoly_scheme.auth_seq_num    2001 
_pdbx_nonpoly_scheme.pdb_mon_id      HOH 
_pdbx_nonpoly_scheme.auth_mon_id     HOH 
_pdbx_nonpoly_scheme.pdb_strand_id   A 
_pdbx_nonpoly_scheme.pdb_ins_code    . 
# 
loop_
_software.citation_id 
_software.classification 
_software.compiler_name 
_software.compiler_version 
_software.contact_author 
_software.contact_author_email 
_software.date 
_software.description 
_software.dependencies 
_software.hardware 
_software.language 
_software.location 
_software.mods 
_software.name 
_software.os 
_software.os_version 
_software.type 
_software.version 
_software.pdbx_ordinal 
? refinement       ? ? ? ? ? ? ? ? ? ? ? SHELXL  ? ? ? . 1 
? 'data reduction' ? ? ? ? ? ? ? ? ? ? ? XDS     ? ? ? . 2 
? 'data scaling'   ? ? ? ? ? ? ? ? ? ? ? Aimless ? ? ? . 3 
? phasing          ? ? ? ? ? ? ? ? ? ? ? SHELXS  ? ? ? . 4 
# 
_cell.angle_alpha                  90.00 
_cell.angle_alpha_esd              ? 
_cell.angle_beta                   90.00 
_cell.angle_beta_esd               ? 
_cell.angle_gamma                  90.00 
_cell.angle_gamma_esd              ? 
_cell.entry_id                     6MW1 
_cell.details                      ? 
_cell.formula_units_Z              ? 
_cell.length_a                     9.633 
_cell.length_a_esd                 ? 
_cell.length_b                     12.706 
_cell.length_b_esd                 ? 
_cell.length_c                     26.415 
_cell.length_c_esd                 ? 
_cell.volume                       ? 
_cell.volume_esd                   ? 
_cell.Z_PDB                        4 
_cell.reciprocal_angle_alpha       ? 
_cell.reciprocal_angle_beta        ? 
_cell.reciprocal_angle_gamma       ? 
_cell.reciprocal_angle_alpha_esd   ? 
_cell.reciprocal_angle_beta_esd    ? 
_cell.reciprocal_angle_gamma_esd   ? 
_cell.reciprocal_length_a          ? 
_cell.reciprocal_length_b          ? 
_cell.reciprocal_length_c          ? 
_cell.reciprocal_length_a_esd      ? 
_cell.reciprocal_length_b_esd      ? 
_cell.reciprocal_length_c_esd      ? 
_cell.pdbx_unique_axis             ? 
# 
_symmetry.entry_id                         6MW1 
_symmetry.cell_setting                     ? 
_symmetry.Int_Tables_number                19 
_symmetry.space_group_name_Hall            ? 
_symmetry.space_group_name_H-M             'P 21 21 21' 
_symmetry.pdbx_full_space_group_name_H-M   ? 
# 
_exptl.absorpt_coefficient_mu     ? 
_exptl.absorpt_correction_T_max   ? 
_exptl.absorpt_correction_T_min   ? 
_exptl.absorpt_correction_type    ? 
_exptl.absorpt_process_details    ? 
_exptl.entry_id                   6MW1 
_exptl.crystals_number            1 
_exptl.details                    ? 
_exptl.method                     'X-RAY DIFFRACTION' 
_exptl.method_details             ? 
# 
_exptl_crystal.colour                      ? 
_exptl_crystal.density_diffrn              ? 
_exptl_crystal.density_Matthews            1.43 
_exptl_crystal.density_method              ? 
_exptl_crystal.density_percent_sol         13.76 
_exptl_crystal.description                 ? 
_exptl_crystal.F_000                       ? 
_exptl_crystal.id                          1 
_exptl_crystal.preparation                 ? 
_exptl_crystal.size_max                    ? 
_exptl_crystal.size_mid                    ? 
_exptl_crystal.size_min                    ? 
_exptl_crystal.size_rad                    ? 
_exptl_crystal.colour_lustre               ? 
_exptl_crystal.colour_modifier             ? 
_exptl_crystal.colour_primary              ? 
_exptl_crystal.density_meas                ? 
_exptl_crystal.density_meas_esd            ? 
_exptl_crystal.density_meas_gt             ? 
_exptl_crystal.density_meas_lt             ? 
_exptl_crystal.density_meas_temp           ? 
_exptl_crystal.density_meas_temp_esd       ? 
_exptl_crystal.density_meas_temp_gt        ? 
_exptl_crystal.density_meas_temp_lt        ? 
_exptl_crystal.pdbx_crystal_image_url      ? 
_exptl_crystal.pdbx_crystal_image_format   ? 
_exptl_crystal.pdbx_mosaicity              ? 
_exptl_crystal.pdbx_mosaicity_esd          ? 
# 
_exptl_crystal_grow.apparatus       ? 
_exptl_crystal_grow.atmosphere      ? 
_exptl_crystal_grow.crystal_id      1 
_exptl_crystal_grow.details         ? 
_exptl_crystal_grow.method          EVAPORATION 
_exptl_crystal_grow.method_ref      ? 
_exptl_crystal_grow.pH              ? 
_exptl_crystal_grow.pressure        ? 
_exptl_crystal_grow.pressure_esd    ? 
_exptl_crystal_grow.seeding         ? 
_exptl_crystal_grow.seeding_ref     ? 
_exptl_crystal_grow.temp            293 
_exptl_crystal_grow.temp_details    ? 
_exptl_crystal_grow.temp_esd        ? 
_exptl_crystal_grow.time            ? 
_exptl_crystal_grow.pdbx_details    'methanol, water' 
_exptl_crystal_grow.pdbx_pH_range   ? 
# 
_diffrn.ambient_environment              ? 
_diffrn.ambient_temp                     100 
_diffrn.ambient_temp_details             ? 
_diffrn.ambient_temp_esd                 ? 
_diffrn.crystal_id                       1 
_diffrn.crystal_support                  ? 
_diffrn.crystal_treatment                ? 
_diffrn.details                          ? 
_diffrn.id                               1 
_diffrn.ambient_pressure                 ? 
_diffrn.ambient_pressure_esd             ? 
_diffrn.ambient_pressure_gt              ? 
_diffrn.ambient_pressure_lt              ? 
_diffrn.ambient_temp_gt                  ? 
_diffrn.ambient_temp_lt                  ? 
_diffrn.pdbx_serial_crystal_experiment   N 
# 
_diffrn_detector.details                      ? 
_diffrn_detector.detector                     PIXEL 
_diffrn_detector.diffrn_id                    1 
_diffrn_detector.type                         'DECTRIS EIGER X 16M' 
_diffrn_detector.area_resol_mean              ? 
_diffrn_detector.dtime                        ? 
_diffrn_detector.pdbx_frames_total            ? 
_diffrn_detector.pdbx_collection_time_total   ? 
_diffrn_detector.pdbx_collection_date         2018-07-13 
_diffrn_detector.pdbx_frequency               ? 
# 
_diffrn_radiation.collimation                      ? 
_diffrn_radiation.diffrn_id                        1 
_diffrn_radiation.filter_edge                      ? 
_diffrn_radiation.inhomogeneity                    ? 
_diffrn_radiation.monochromator                    ? 
_diffrn_radiation.polarisn_norm                    ? 
_diffrn_radiation.polarisn_ratio                   ? 
_diffrn_radiation.probe                            ? 
_diffrn_radiation.type                             ? 
_diffrn_radiation.xray_symbol                      ? 
_diffrn_radiation.wavelength_id                    1 
_diffrn_radiation.pdbx_monochromatic_or_laue_m_l   M 
_diffrn_radiation.pdbx_wavelength_list             ? 
_diffrn_radiation.pdbx_wavelength                  ? 
_diffrn_radiation.pdbx_diffrn_protocol             'SINGLE WAVELENGTH' 
_diffrn_radiation.pdbx_analyzer                    ? 
_diffrn_radiation.pdbx_scattering_type             x-ray 
# 
_diffrn_radiation_wavelength.id           1 
_diffrn_radiation_wavelength.wavelength   0.71075 
_diffrn_radiation_wavelength.wt           1.0 
# 
_diffrn_source.current                     ? 
_diffrn_source.details                     ? 
_diffrn_source.diffrn_id                   1 
_diffrn_source.power                       ? 
_diffrn_source.size                        ? 
_diffrn_source.source                      SYNCHROTRON 
_diffrn_source.target                      ? 
_diffrn_source.type                        'AUSTRALIAN SYNCHROTRON BEAMLINE MX2' 
_diffrn_source.voltage                     ? 
_diffrn_source.take-off_angle              ? 
_diffrn_source.pdbx_wavelength_list        0.71075 
_diffrn_source.pdbx_wavelength             ? 
_diffrn_source.pdbx_synchrotron_beamline   MX2 
_diffrn_source.pdbx_synchrotron_site       'Australian Synchrotron' 
# 
_reflns.B_iso_Wilson_estimate            ? 
_reflns.entry_id                         6MW1 
_reflns.data_reduction_details           ? 
_reflns.data_reduction_method            ? 
_reflns.d_resolution_high                0.77 
_reflns.d_resolution_low                 26.42 
_reflns.details                          ? 
_reflns.limit_h_max                      ? 
_reflns.limit_h_min                      ? 
_reflns.limit_k_max                      ? 
_reflns.limit_k_min                      ? 
_reflns.limit_l_max                      ? 
_reflns.limit_l_min                      ? 
_reflns.number_all                       ? 
_reflns.number_obs                       4124 
_reflns.observed_criterion               ? 
_reflns.observed_criterion_F_max         ? 
_reflns.observed_criterion_F_min         ? 
_reflns.observed_criterion_I_max         ? 
_reflns.observed_criterion_I_min         ? 
_reflns.observed_criterion_sigma_F       ? 
_reflns.observed_criterion_sigma_I       ? 
_reflns.percent_possible_obs             98.3 
_reflns.R_free_details                   ? 
_reflns.Rmerge_F_all                     ? 
_reflns.Rmerge_F_obs                     ? 
_reflns.Friedel_coverage                 ? 
_reflns.number_gt                        ? 
_reflns.threshold_expression             ? 
_reflns.pdbx_redundancy                  11.9 
_reflns.pdbx_Rmerge_I_obs                0.078 
_reflns.pdbx_Rmerge_I_all                ? 
_reflns.pdbx_Rsym_value                  ? 
_reflns.pdbx_netI_over_av_sigmaI         ? 
_reflns.pdbx_netI_over_sigmaI            27.0 
_reflns.pdbx_res_netI_over_av_sigmaI_2   ? 
_reflns.pdbx_res_netI_over_sigmaI_2      ? 
_reflns.pdbx_chi_squared                 ? 
_reflns.pdbx_scaling_rejects             ? 
_reflns.pdbx_d_res_high_opt              ? 
_reflns.pdbx_d_res_low_opt               ? 
_reflns.pdbx_d_res_opt_method            ? 
_reflns.phase_calculation_details        ? 
_reflns.pdbx_Rrim_I_all                  ? 
_reflns.pdbx_Rpim_I_all                  0.024 
_reflns.pdbx_d_opt                       ? 
_reflns.pdbx_number_measured_all         ? 
_reflns.pdbx_diffrn_id                   1 
_reflns.pdbx_ordinal                     1 
_reflns.pdbx_CC_half                     0.993 
_reflns.pdbx_R_split                     ? 
# 
_reflns_shell.d_res_high                  0.77 
_reflns_shell.d_res_low                   0.79 
_reflns_shell.meanI_over_sigI_all         ? 
_reflns_shell.meanI_over_sigI_obs         19.6 
_reflns_shell.number_measured_all         ? 
_reflns_shell.number_measured_obs         ? 
_reflns_shell.number_possible             ? 
_reflns_shell.number_unique_all           ? 
_reflns_shell.number_unique_obs           279 
_reflns_shell.percent_possible_all        91.7 
_reflns_shell.percent_possible_obs        ? 
_reflns_shell.Rmerge_F_all                ? 
_reflns_shell.Rmerge_F_obs                ? 
_reflns_shell.Rmerge_I_all                ? 
_reflns_shell.Rmerge_I_obs                0.141 
_reflns_shell.meanI_over_sigI_gt          ? 
_reflns_shell.meanI_over_uI_all           ? 
_reflns_shell.meanI_over_uI_gt            ? 
_reflns_shell.number_measured_gt          ? 
_reflns_shell.number_unique_gt            ? 
_reflns_shell.percent_possible_gt         ? 
_reflns_shell.Rmerge_F_gt                 ? 
_reflns_shell.Rmerge_I_gt                 ? 
_reflns_shell.pdbx_redundancy             11.8 
_reflns_shell.pdbx_Rsym_value             ? 
_reflns_shell.pdbx_chi_squared            ? 
_reflns_shell.pdbx_netI_over_sigmaI_all   ? 
_reflns_shell.pdbx_netI_over_sigmaI_obs   ? 
_reflns_shell.pdbx_Rrim_I_all             ? 
_reflns_shell.pdbx_Rpim_I_all             0.043 
_reflns_shell.pdbx_rejects                ? 
_reflns_shell.pdbx_ordinal                1 
_reflns_shell.pdbx_diffrn_id              1 
_reflns_shell.pdbx_CC_half                0.992 
_reflns_shell.pdbx_R_split                ? 
# 
_refine.aniso_B[1][1]                            ? 
_refine.aniso_B[1][2]                            ? 
_refine.aniso_B[1][3]                            ? 
_refine.aniso_B[2][2]                            ? 
_refine.aniso_B[2][3]                            ? 
_refine.aniso_B[3][3]                            ? 
_refine.B_iso_max                                ? 
_refine.B_iso_mean                               ? 
_refine.B_iso_min                                ? 
_refine.correlation_coeff_Fo_to_Fc               ? 
_refine.correlation_coeff_Fo_to_Fc_free          ? 
_refine.details                                  
'Full least squares refinement in SHELXL with anisotropic atoms and riding hydrogens.' 
_refine.diff_density_max                         ? 
_refine.diff_density_max_esd                     ? 
_refine.diff_density_min                         ? 
_refine.diff_density_min_esd                     ? 
_refine.diff_density_rms                         ? 
_refine.diff_density_rms_esd                     ? 
_refine.entry_id                                 6MW1 
_refine.pdbx_refine_id                           'X-RAY DIFFRACTION' 
_refine.ls_abs_structure_details                 ? 
_refine.ls_abs_structure_Flack                   ? 
_refine.ls_abs_structure_Flack_esd               ? 
_refine.ls_abs_structure_Rogers                  ? 
_refine.ls_abs_structure_Rogers_esd              ? 
_refine.ls_d_res_high                            0.77 
_refine.ls_d_res_low                             26.42 
_refine.ls_extinction_coef                       ? 
_refine.ls_extinction_coef_esd                   ? 
_refine.ls_extinction_expression                 ? 
_refine.ls_extinction_method                     ? 
_refine.ls_goodness_of_fit_all                   ? 
_refine.ls_goodness_of_fit_all_esd               ? 
_refine.ls_goodness_of_fit_obs                   ? 
_refine.ls_goodness_of_fit_obs_esd               ? 
_refine.ls_hydrogen_treatment                    ? 
_refine.ls_matrix_type                           ? 
_refine.ls_number_constraints                    ? 
_refine.ls_number_parameters                     ? 
_refine.ls_number_reflns_all                     ? 
_refine.ls_number_reflns_obs                     4124 
_refine.ls_number_reflns_R_free                  ? 
_refine.ls_number_reflns_R_work                  ? 
_refine.ls_number_restraints                     ? 
_refine.ls_percent_reflns_obs                    100 
_refine.ls_percent_reflns_R_free                 ? 
_refine.ls_R_factor_all                          ? 
_refine.ls_R_factor_obs                          ? 
_refine.ls_R_factor_R_free                       ? 
_refine.ls_R_factor_R_free_error                 ? 
_refine.ls_R_factor_R_free_error_details         ? 
_refine.ls_R_factor_R_work                       0.0437 
_refine.ls_R_Fsqd_factor_obs                     ? 
_refine.ls_R_I_factor_obs                        ? 
_refine.ls_redundancy_reflns_all                 ? 
_refine.ls_redundancy_reflns_obs                 ? 
_refine.ls_restrained_S_all                      ? 
_refine.ls_restrained_S_obs                      ? 
_refine.ls_shift_over_esd_max                    ? 
_refine.ls_shift_over_esd_mean                   ? 
_refine.ls_structure_factor_coef                 ? 
_refine.ls_weighting_details                     ? 
_refine.ls_weighting_scheme                      ? 
_refine.ls_wR_factor_all                         ? 
_refine.ls_wR_factor_obs                         ? 
_refine.ls_wR_factor_R_free                      ? 
_refine.ls_wR_factor_R_work                      ? 
_refine.occupancy_max                            ? 
_refine.occupancy_min                            ? 
_refine.solvent_model_details                    ? 
_refine.solvent_model_param_bsol                 ? 
_refine.solvent_model_param_ksol                 ? 
_refine.ls_R_factor_gt                           ? 
_refine.ls_goodness_of_fit_gt                    ? 
_refine.ls_goodness_of_fit_ref                   ? 
_refine.ls_shift_over_su_max                     ? 
_refine.ls_shift_over_su_max_lt                  ? 
_refine.ls_shift_over_su_mean                    ? 
_refine.ls_shift_over_su_mean_lt                 ? 
_refine.pdbx_ls_sigma_I                          ? 
_refine.pdbx_ls_sigma_F                          ? 
_refine.pdbx_ls_sigma_Fsqd                       ? 
_refine.pdbx_data_cutoff_high_absF               ? 
_refine.pdbx_data_cutoff_high_rms_absF           ? 
_refine.pdbx_data_cutoff_low_absF                ? 
_refine.pdbx_isotropic_thermal_model             ? 
_refine.pdbx_ls_cross_valid_method               NONE 
_refine.pdbx_method_to_determine_struct          'AB INITIO PHASING' 
_refine.pdbx_starting_model                      ? 
_refine.pdbx_stereochemistry_target_values       ? 
_refine.pdbx_R_Free_selection_details            ? 
_refine.pdbx_stereochem_target_val_spec_case     ? 
_refine.pdbx_overall_ESU_R                       ? 
_refine.pdbx_overall_ESU_R_Free                  ? 
_refine.pdbx_solvent_vdw_probe_radii             ? 
_refine.pdbx_solvent_ion_probe_radii             ? 
_refine.pdbx_solvent_shrinkage_radii             ? 
_refine.pdbx_real_space_R                        ? 
_refine.pdbx_density_correlation                 ? 
_refine.pdbx_pd_number_of_powder_patterns        ? 
_refine.pdbx_pd_number_of_points                 ? 
_refine.pdbx_pd_meas_number_of_points            ? 
_refine.pdbx_pd_proc_ls_prof_R_factor            ? 
_refine.pdbx_pd_proc_ls_prof_wR_factor           ? 
_refine.pdbx_pd_Marquardt_correlation_coeff      ? 
_refine.pdbx_pd_Fsqrd_R_factor                   ? 
_refine.pdbx_pd_ls_matrix_band_width             ? 
_refine.pdbx_overall_phase_error                 ? 
_refine.pdbx_overall_SU_R_free_Cruickshank_DPI   ? 
_refine.pdbx_overall_SU_R_free_Blow_DPI          ? 
_refine.pdbx_overall_SU_R_Blow_DPI               ? 
_refine.pdbx_TLS_residual_ADP_flag               ? 
_refine.pdbx_diffrn_id                           1 
_refine.overall_SU_B                             ? 
_refine.overall_SU_ML                            ? 
_refine.overall_SU_R_Cruickshank_DPI             ? 
_refine.overall_SU_R_free                        ? 
_refine.overall_FOM_free_R_set                   ? 
_refine.overall_FOM_work_R_set                   ? 
_refine.pdbx_average_fsc_overall                 ? 
_refine.pdbx_average_fsc_work                    ? 
_refine.pdbx_average_fsc_free                    ? 
# 
_refine_hist.pdbx_refine_id                   'X-RAY DIFFRACTION' 
_refine_hist.cycle_id                         LAST 
_refine_hist.pdbx_number_atoms_protein        40 
_refine_hist.pdbx_number_atoms_nucleic_acid   0 
_refine_hist.pdbx_number_atoms_ligand         0 
_refine_hist.number_atoms_solvent             1 
_refine_hist.number_atoms_total               41 
_refine_hist.d_res_high                       0.77 
_refine_hist.d_res_low                        26.42 
# 
_struct.entry_id                     6MW1 
_struct.title                        'cyclo-Mle-Phe-Mle-Phe. Pseudoxylallemycin A.' 
_struct.pdbx_model_details           ? 
_struct.pdbx_formula_weight          ? 
_struct.pdbx_formula_weight_method   ? 
_struct.pdbx_model_type_details      ? 
_struct.pdbx_CASP_flag               N 
# 
_struct_keywords.entry_id        6MW1 
_struct_keywords.text            'tetrapeptide, cyclic peptide, N-methyl leucine, pseudoxylallemycin A, ANTIBIOTIC' 
_struct_keywords.pdbx_keywords   ANTIBIOTIC 
# 
loop_
_struct_asym.id 
_struct_asym.pdbx_blank_PDB_chainid_flag 
_struct_asym.pdbx_modified 
_struct_asym.entity_id 
_struct_asym.details 
A N N 1 ? 
B N N 2 ? 
# 
_struct_ref.id                         1 
_struct_ref.db_name                    PDB 
_struct_ref.db_code                    6MW1 
_struct_ref.pdbx_db_accession          6MW1 
_struct_ref.pdbx_db_isoform            ? 
_struct_ref.entity_id                  1 
_struct_ref.pdbx_seq_one_letter_code   ? 
_struct_ref.pdbx_align_begin           1 
# 
_struct_ref_seq.align_id                      1 
_struct_ref_seq.ref_id                        1 
_struct_ref_seq.pdbx_PDB_id_code              6MW1 
_struct_ref_seq.pdbx_strand_id                A 
_struct_ref_seq.seq_align_beg                 1 
_struct_ref_seq.pdbx_seq_align_beg_ins_code   ? 
_struct_ref_seq.seq_align_end                 4 
_struct_ref_seq.pdbx_seq_align_end_ins_code   ? 
_struct_ref_seq.pdbx_db_accession             6MW1 
_struct_ref_seq.db_align_beg                  1001 
_struct_ref_seq.pdbx_db_align_beg_ins_code    ? 
_struct_ref_seq.db_align_end                  1004 
_struct_ref_seq.pdbx_db_align_end_ins_code    ? 
_struct_ref_seq.pdbx_auth_seq_align_beg       1001 
_struct_ref_seq.pdbx_auth_seq_align_end       1004 
# 
_pdbx_struct_assembly.id                   1 
_pdbx_struct_assembly.details              author_and_software_defined_assembly 
_pdbx_struct_assembly.method_details       PISA 
_pdbx_struct_assembly.oligomeric_details   monomeric 
_pdbx_struct_assembly.oligomeric_count     1 
# 
loop_
_pdbx_struct_assembly_prop.biol_id 
_pdbx_struct_assembly_prop.type 
_pdbx_struct_assembly_prop.value 
_pdbx_struct_assembly_prop.details 
1 'ABSA (A^2)' 0   ? 
1 MORE         0   ? 
1 'SSA (A^2)'  740 ? 
# 
_pdbx_struct_assembly_gen.assembly_id       1 
_pdbx_struct_assembly_gen.oper_expression   1 
_pdbx_struct_assembly_gen.asym_id_list      A,B 
# 
_pdbx_struct_assembly_auth_evidence.id                     1 
_pdbx_struct_assembly_auth_evidence.assembly_id            1 
_pdbx_struct_assembly_auth_evidence.experimental_support   none 
_pdbx_struct_assembly_auth_evidence.details                ? 
# 
_pdbx_struct_oper_list.id                   1 
_pdbx_struct_oper_list.type                 'identity operation' 
_pdbx_struct_oper_list.name                 1_555 
_pdbx_struct_oper_list.symmetry_operation   x,y,z 
_pdbx_struct_oper_list.matrix[1][1]         1.0000000000 
_pdbx_struct_oper_list.matrix[1][2]         0.0000000000 
_pdbx_struct_oper_list.matrix[1][3]         0.0000000000 
_pdbx_struct_oper_list.vector[1]            0.0000000000 
_pdbx_struct_oper_list.matrix[2][1]         0.0000000000 
_pdbx_struct_oper_list.matrix[2][2]         1.0000000000 
_pdbx_struct_oper_list.matrix[2][3]         0.0000000000 
_pdbx_struct_oper_list.vector[2]            0.0000000000 
_pdbx_struct_oper_list.matrix[3][1]         0.0000000000 
_pdbx_struct_oper_list.matrix[3][2]         0.0000000000 
_pdbx_struct_oper_list.matrix[3][3]         1.0000000000 
_pdbx_struct_oper_list.vector[3]            0.0000000000 
# 
loop_
_struct_conn.id 
_struct_conn.conn_type_id 
_struct_conn.pdbx_leaving_atom_flag 
_struct_conn.pdbx_PDB_id 
_struct_conn.ptnr1_label_asym_id 
_struct_conn.ptnr1_label_comp_id 
_struct_conn.ptnr1_label_seq_id 
_struct_conn.ptnr1_label_atom_id 
_struct_conn.pdbx_ptnr1_label_alt_id 
_struct_conn.pdbx_ptnr1_PDB_ins_code 
_struct_conn.pdbx_ptnr1_standard_comp_id 
_struct_conn.ptnr1_symmetry 
_struct_conn.ptnr2_label_asym_id 
_struct_conn.ptnr2_label_comp_id 
_struct_conn.ptnr2_label_seq_id 
_struct_conn.ptnr2_label_atom_id 
_struct_conn.pdbx_ptnr2_label_alt_id 
_struct_conn.pdbx_ptnr2_PDB_ins_code 
_struct_conn.ptnr1_auth_asym_id 
_struct_conn.ptnr1_auth_comp_id 
_struct_conn.ptnr1_auth_seq_id 
_struct_conn.ptnr2_auth_asym_id 
_struct_conn.ptnr2_auth_comp_id 
_struct_conn.ptnr2_auth_seq_id 
_struct_conn.ptnr2_symmetry 
_struct_conn.pdbx_ptnr3_label_atom_id 
_struct_conn.pdbx_ptnr3_label_seq_id 
_struct_conn.pdbx_ptnr3_label_comp_id 
_struct_conn.pdbx_ptnr3_label_asym_id 
_struct_conn.pdbx_ptnr3_label_alt_id 
_struct_conn.pdbx_ptnr3_PDB_ins_code 
_struct_conn.details 
_struct_conn.pdbx_dist_value 
_struct_conn.pdbx_value_order 
_struct_conn.pdbx_role 
covale1 covale both ? A MLE 1 C ? ? ? 1_555 A PHE 2 N ? ? A MLE 1001 A PHE 1002 1_555 ? ? ? ? ? ? ? 1.353 ? ? 
covale2 covale both ? A MLE 1 N ? ? ? 1_555 A PHE 4 C ? ? A MLE 1001 A PHE 1004 1_555 ? ? ? ? ? ? ? 1.366 ? ? 
covale3 covale both ? A PHE 2 C ? ? ? 1_555 A MLE 3 N ? ? A PHE 1002 A MLE 1003 1_555 ? ? ? ? ? ? ? 1.359 ? ? 
covale4 covale both ? A MLE 3 C ? ? ? 1_555 A PHE 4 N ? ? A MLE 1003 A PHE 1004 1_555 ? ? ? ? ? ? ? 1.347 ? ? 
# 
_struct_conn_type.id          covale 
_struct_conn_type.criteria    ? 
_struct_conn_type.reference   ? 
# 
loop_
_pdbx_modification_feature.ordinal 
_pdbx_modification_feature.label_comp_id 
_pdbx_modification_feature.label_asym_id 
_pdbx_modification_feature.label_seq_id 
_pdbx_modification_feature.label_alt_id 
_pdbx_modification_feature.modified_residue_label_comp_id 
_pdbx_modification_feature.modified_residue_label_asym_id 
_pdbx_modification_feature.modified_residue_label_seq_id 
_pdbx_modification_feature.modified_residue_label_alt_id 
_pdbx_modification_feature.auth_comp_id 
_pdbx_modification_feature.auth_asym_id 
_pdbx_modification_feature.auth_seq_id 
_pdbx_modification_feature.PDB_ins_code 
_pdbx_modification_feature.symmetry 
_pdbx_modification_feature.modified_residue_auth_comp_id 
_pdbx_modification_feature.modified_residue_auth_asym_id 
_pdbx_modification_feature.modified_residue_auth_seq_id 
_pdbx_modification_feature.modified_residue_PDB_ins_code 
_pdbx_modification_feature.modified_residue_symmetry 
_pdbx_modification_feature.comp_id_linking_atom 
_pdbx_modification_feature.modified_residue_id_linking_atom 
_pdbx_modification_feature.modified_residue_id 
_pdbx_modification_feature.ref_pcm_id 
_pdbx_modification_feature.ref_comp_id 
_pdbx_modification_feature.type 
_pdbx_modification_feature.category 
1 MLE A 1 ? .   . . . MLE A 1001 ? 1_555 .   . .    . .     . . LEU 1 MLE Methylation 'Named protein modification' 
2 MLE A 3 ? .   . . . MLE A 1003 ? 1_555 .   . .    . .     . . LEU 1 MLE Methylation 'Named protein modification' 
3 MLE A 1 ? PHE A 4 ? MLE A 1001 ? 1_555 PHE A 1004 ? 1_555 N C .   . .   None        'Non-standard linkage'       
# 
_struct_mon_prot_cis.pdbx_id                1 
_struct_mon_prot_cis.label_comp_id          PHE 
_struct_mon_prot_cis.label_seq_id           2 
_struct_mon_prot_cis.label_asym_id          A 
_struct_mon_prot_cis.label_alt_id           . 
_struct_mon_prot_cis.pdbx_PDB_ins_code      ? 
_struct_mon_prot_cis.auth_comp_id           PHE 
_struct_mon_prot_cis.auth_seq_id            1002 
_struct_mon_prot_cis.auth_asym_id           A 
_struct_mon_prot_cis.pdbx_label_comp_id_2   MLE 
_struct_mon_prot_cis.pdbx_label_seq_id_2    3 
_struct_mon_prot_cis.pdbx_label_asym_id_2   A 
_struct_mon_prot_cis.pdbx_PDB_ins_code_2    ? 
_struct_mon_prot_cis.pdbx_auth_comp_id_2    MLE 
_struct_mon_prot_cis.pdbx_auth_seq_id_2     1003 
_struct_mon_prot_cis.pdbx_auth_asym_id_2    A 
_struct_mon_prot_cis.pdbx_PDB_model_num     1 
_struct_mon_prot_cis.pdbx_omega_angle       8.51 
# 
_pdbx_entry_details.entry_id                   6MW1 
_pdbx_entry_details.compound_details           ? 
_pdbx_entry_details.source_details             ? 
_pdbx_entry_details.nonpolymer_details         ? 
_pdbx_entry_details.sequence_details           ? 
_pdbx_entry_details.has_ligand_of_interest     ? 
_pdbx_entry_details.has_protein_modification   Y 
# 
_pdbx_molecule_features.prd_id    PRD_002333 
_pdbx_molecule_features.name      'Pseudoxylallemycin A' 
_pdbx_molecule_features.type      'Cyclic peptide' 
_pdbx_molecule_features.class     Antibiotic 
_pdbx_molecule_features.details   ? 
# 
_pdbx_molecule.instance_id   1 
_pdbx_molecule.prd_id        PRD_002333 
_pdbx_molecule.asym_id       A 
# 
loop_
_chem_comp_atom.comp_id 
_chem_comp_atom.atom_id 
_chem_comp_atom.type_symbol 
_chem_comp_atom.pdbx_aromatic_flag 
_chem_comp_atom.pdbx_stereo_config 
_chem_comp_atom.pdbx_ordinal 
HOH O    O N N 1  
HOH H1   H N N 2  
HOH H2   H N N 3  
MLE N    N N N 4  
MLE CN   C N N 5  
MLE CA   C N S 6  
MLE CB   C N N 7  
MLE CG   C N N 8  
MLE CD1  C N N 9  
MLE CD2  C N N 10 
MLE C    C N N 11 
MLE O    O N N 12 
MLE OXT  O N N 13 
MLE H    H N N 14 
MLE HN1  H N N 15 
MLE HN2  H N N 16 
MLE HN3  H N N 17 
MLE HA   H N N 18 
MLE HB2  H N N 19 
MLE HB3  H N N 20 
MLE HG   H N N 21 
MLE HD11 H N N 22 
MLE HD12 H N N 23 
MLE HD13 H N N 24 
MLE HD21 H N N 25 
MLE HD22 H N N 26 
MLE HD23 H N N 27 
MLE HXT  H N N 28 
PHE N    N N N 29 
PHE CA   C N S 30 
PHE C    C N N 31 
PHE O    O N N 32 
PHE CB   C N N 33 
PHE CG   C Y N 34 
PHE CD1  C Y N 35 
PHE CD2  C Y N 36 
PHE CE1  C Y N 37 
PHE CE2  C Y N 38 
PHE CZ   C Y N 39 
PHE OXT  O N N 40 
PHE H    H N N 41 
PHE H2   H N N 42 
PHE HA   H N N 43 
PHE HB2  H N N 44 
PHE HB3  H N N 45 
PHE HD1  H N N 46 
PHE HD2  H N N 47 
PHE HE1  H N N 48 
PHE HE2  H N N 49 
PHE HZ   H N N 50 
PHE HXT  H N N 51 
# 
loop_
_chem_comp_bond.comp_id 
_chem_comp_bond.atom_id_1 
_chem_comp_bond.atom_id_2 
_chem_comp_bond.value_order 
_chem_comp_bond.pdbx_aromatic_flag 
_chem_comp_bond.pdbx_stereo_config 
_chem_comp_bond.pdbx_ordinal 
HOH O   H1   sing N N 1  
HOH O   H2   sing N N 2  
MLE N   CN   sing N N 3  
MLE N   CA   sing N N 4  
MLE N   H    sing N N 5  
MLE CN  HN1  sing N N 6  
MLE CN  HN2  sing N N 7  
MLE CN  HN3  sing N N 8  
MLE CA  CB   sing N N 9  
MLE CA  C    sing N N 10 
MLE CA  HA   sing N N 11 
MLE CB  CG   sing N N 12 
MLE CB  HB2  sing N N 13 
MLE CB  HB3  sing N N 14 
MLE CG  CD1  sing N N 15 
MLE CG  CD2  sing N N 16 
MLE CG  HG   sing N N 17 
MLE CD1 HD11 sing N N 18 
MLE CD1 HD12 sing N N 19 
MLE CD1 HD13 sing N N 20 
MLE CD2 HD21 sing N N 21 
MLE CD2 HD22 sing N N 22 
MLE CD2 HD23 sing N N 23 
MLE C   O    doub N N 24 
MLE C   OXT  sing N N 25 
MLE OXT HXT  sing N N 26 
PHE N   CA   sing N N 27 
PHE N   H    sing N N 28 
PHE N   H2   sing N N 29 
PHE CA  C    sing N N 30 
PHE CA  CB   sing N N 31 
PHE CA  HA   sing N N 32 
PHE C   O    doub N N 33 
PHE C   OXT  sing N N 34 
PHE CB  CG   sing N N 35 
PHE CB  HB2  sing N N 36 
PHE CB  HB3  sing N N 37 
PHE CG  CD1  doub Y N 38 
PHE CG  CD2  sing Y N 39 
PHE CD1 CE1  sing Y N 40 
PHE CD1 HD1  sing N N 41 
PHE CD2 CE2  doub Y N 42 
PHE CD2 HD2  sing N N 43 
PHE CE1 CZ   doub Y N 44 
PHE CE1 HE1  sing N N 45 
PHE CE2 CZ   sing Y N 46 
PHE CE2 HE2  sing N N 47 
PHE CZ  HZ   sing N N 48 
PHE OXT HXT  sing N N 49 
# 
_atom_sites.entry_id                    6MW1 
_atom_sites.fract_transf_matrix[1][1]   0.09590095 
_atom_sites.fract_transf_matrix[1][2]   -0.03709155 
_atom_sites.fract_transf_matrix[1][3]   -0.01427376 
_atom_sites.fract_transf_matrix[2][1]   -0.02988771 
_atom_sites.fract_transf_matrix[2][2]   -0.07089321 
_atom_sites.fract_transf_matrix[2][3]   -0.01658431 
_atom_sites.fract_transf_matrix[3][1]   -0.00183849 
_atom_sites.fract_transf_matrix[3][2]   0.00934619 
_atom_sites.fract_transf_matrix[3][3]   -0.03663906 
_atom_sites.fract_transf_vector[1]      0.296170 
_atom_sites.fract_transf_vector[2]      0.379191 
_atom_sites.fract_transf_vector[3]      0.623912 
# 
loop_
_atom_type.symbol 
C 
N 
O 
# 
loop_
_atom_site.group_PDB 
_atom_site.id 
_atom_site.type_symbol 
_atom_site.label_atom_id 
_atom_site.label_alt_id 
_atom_site.label_comp_id 
_atom_site.label_asym_id 
_atom_site.label_entity_id 
_atom_site.label_seq_id 
_atom_site.pdbx_PDB_ins_code 
_atom_site.Cartn_x 
_atom_site.Cartn_y 
_atom_site.Cartn_z 
_atom_site.occupancy 
_atom_site.B_iso_or_equiv 
_atom_site.pdbx_formal_charge 
_atom_site.auth_seq_id 
_atom_site.auth_comp_id 
_atom_site.auth_asym_id 
_atom_site.auth_atom_id 
_atom_site.pdbx_PDB_model_num 
HETATM 1  N N   . MLE A 1 1 ? -1.311 2.066  0.643  1.000 1.10 ? 1001 MLE A N   1 
HETATM 2  C CN  . MLE A 1 1 ? -0.985 3.389  1.197  1.000 1.72 ? 1001 MLE A CN  1 
HETATM 3  C CA  . MLE A 1 1 ? -0.873 1.768  -0.729 1.000 0.94 ? 1001 MLE A CA  1 
HETATM 4  C CB  . MLE A 1 1 ? -1.269 2.867  -1.726 1.000 1.25 ? 1001 MLE A CB  1 
HETATM 5  C CG  . MLE A 1 1 ? -2.770 2.863  -2.065 1.000 1.29 ? 1001 MLE A CG  1 
HETATM 6  C CD1 . MLE A 1 1 ? -3.161 4.175  -2.740 1.000 1.89 ? 1001 MLE A CD1 1 
HETATM 7  C CD2 . MLE A 1 1 ? -3.132 1.678  -2.974 1.000 1.94 ? 1001 MLE A CD2 1 
HETATM 8  C C   . MLE A 1 1 ? 0.613  1.369  -0.847 1.000 0.99 ? 1001 MLE A C   1 
HETATM 9  O O   . MLE A 1 1 ? 1.132  1.267  -1.952 1.000 1.56 ? 1001 MLE A O   1 
ATOM   10 N N   . PHE A 1 2 ? 1.236  1.024  0.303  1.000 0.88 ? 1002 PHE A N   1 
ATOM   11 C CA  . PHE A 1 2 ? 2.517  0.326  0.318  1.000 0.90 ? 1002 PHE A CA  1 
ATOM   12 C C   . PHE A 1 2 ? 2.348  -0.981 1.147  1.000 0.95 ? 1002 PHE A C   1 
ATOM   13 O O   . PHE A 1 2 ? 2.962  -1.135 2.205  1.000 1.40 ? 1002 PHE A O   1 
ATOM   14 C CB  . PHE A 1 2 ? 3.630  1.204  0.925  1.000 1.23 ? 1002 PHE A CB  1 
ATOM   15 C CG  . PHE A 1 2 ? 3.705  2.544  0.216  1.000 1.25 ? 1002 PHE A CG  1 
ATOM   16 C CD1 . PHE A 1 2 ? 4.325  2.664  -1.035 1.000 1.72 ? 1002 PHE A CD1 1 
ATOM   17 C CD2 . PHE A 1 2 ? 3.097  3.676  0.758  1.000 1.66 ? 1002 PHE A CD2 1 
ATOM   18 C CE1 . PHE A 1 2 ? 4.335  3.871  -1.717 1.000 2.10 ? 1002 PHE A CE1 1 
ATOM   19 C CE2 . PHE A 1 2 ? 3.101  4.893  0.071  1.000 2.19 ? 1002 PHE A CE2 1 
ATOM   20 C CZ  . PHE A 1 2 ? 3.719  4.985  -1.167 1.000 2.04 ? 1002 PHE A CZ  1 
HETATM 21 N N   . MLE A 1 3 ? 1.454  -1.919 0.737  1.000 0.97 ? 1003 MLE A N   1 
HETATM 22 C CN  . MLE A 1 3 ? 1.190  -3.004 1.692  1.000 1.44 ? 1003 MLE A CN  1 
HETATM 23 C CA  . MLE A 1 3 ? 0.732  -1.902 -0.540 1.000 0.93 ? 1003 MLE A CA  1 
HETATM 24 C CB  . MLE A 1 3 ? 0.686  -3.276 -1.241 1.000 1.20 ? 1003 MLE A CB  1 
HETATM 25 C CG  . MLE A 1 3 ? 2.052  -3.945 -1.486 1.000 1.36 ? 1003 MLE A CG  1 
HETATM 26 C CD1 . MLE A 1 3 ? 2.978  -3.068 -2.314 1.000 2.10 ? 1003 MLE A CD1 1 
HETATM 27 C CD2 . MLE A 1 3 ? 1.817  -5.296 -2.183 1.000 1.96 ? 1003 MLE A CD2 1 
HETATM 28 C C   . MLE A 1 3 ? -0.715 -1.363 -0.425 1.000 0.89 ? 1003 MLE A C   1 
HETATM 29 O O   . MLE A 1 3 ? -1.435 -1.368 -1.418 1.000 1.24 ? 1003 MLE A O   1 
ATOM   30 N N   . PHE A 1 4 ? -1.081 -0.849 0.765  1.000 0.97 ? 1004 PHE A N   1 
ATOM   31 C CA  . PHE A 1 4 ? -2.376 -0.191 0.951  1.000 1.05 ? 1004 PHE A CA  1 
ATOM   32 C C   . PHE A 1 4 ? -2.165 1.287  1.371  1.000 1.20 ? 1004 PHE A C   1 
ATOM   33 O O   . PHE A 1 4 ? -2.726 1.718  2.380  1.000 2.00 ? 1004 PHE A O   1 
ATOM   34 C CB  . PHE A 1 4 ? -3.214 -0.941 2.008  1.000 1.52 ? 1004 PHE A CB  1 
ATOM   35 C CG  . PHE A 1 4 ? -3.121 -2.436 1.792  1.000 1.63 ? 1004 PHE A CG  1 
ATOM   36 C CD1 . PHE A 1 4 ? -3.619 -3.019 0.622  1.000 2.21 ? 1004 PHE A CD1 1 
ATOM   37 C CD2 . PHE A 1 4 ? -2.426 -3.247 2.687  1.000 2.55 ? 1004 PHE A CD2 1 
ATOM   38 C CE1 . PHE A 1 4 ? -3.382 -4.365 0.348  1.000 3.31 ? 1004 PHE A CE1 1 
ATOM   39 C CE2 . PHE A 1 4 ? -2.183 -4.591 2.406  1.000 3.62 ? 1004 PHE A CE2 1 
ATOM   40 C CZ  . PHE A 1 4 ? -2.639 -5.145 1.226  1.000 3.75 ? 1004 PHE A CZ  1 
HETATM 41 O O   . HOH B 2 . ? 5.329  -0.530 3.430  1.000 1.49 ? 2001 HOH A O   1 
# 
loop_
_atom_site_anisotrop.id 
_atom_site_anisotrop.type_symbol 
_atom_site_anisotrop.pdbx_label_atom_id 
_atom_site_anisotrop.pdbx_label_alt_id 
_atom_site_anisotrop.pdbx_label_comp_id 
_atom_site_anisotrop.pdbx_label_asym_id 
_atom_site_anisotrop.pdbx_label_seq_id 
_atom_site_anisotrop.pdbx_PDB_ins_code 
_atom_site_anisotrop.U[1][1] 
_atom_site_anisotrop.U[2][2] 
_atom_site_anisotrop.U[3][3] 
_atom_site_anisotrop.U[1][2] 
_atom_site_anisotrop.U[1][3] 
_atom_site_anisotrop.U[2][3] 
_atom_site_anisotrop.pdbx_auth_seq_id 
_atom_site_anisotrop.pdbx_auth_comp_id 
_atom_site_anisotrop.pdbx_auth_asym_id 
_atom_site_anisotrop.pdbx_auth_atom_id 
1  N N   . MLE A 1 ? 0.0156 0.0149 0.0087 -0.0011 -0.0010 -0.0035 1001 MLE A N   
2  C CN  . MLE A 1 ? 0.0268 0.0167 0.0180 -0.0012 -0.0037 -0.0078 1001 MLE A CN  
3  C CA  . MLE A 1 ? 0.0135 0.0142 0.0059 -0.0014 -0.0007 0.0005  1001 MLE A CA  
4  C CB  . MLE A 1 ? 0.0168 0.0142 0.0135 -0.0027 -0.0015 0.0044  1001 MLE A CB  
5  C CG  . MLE A 1 ? 0.0174 0.0150 0.0138 0.0015  0.0003  0.0056  1001 MLE A CG  
6  C CD1 . MLE A 1 ? 0.0282 0.0183 0.0212 0.0074  -0.0007 0.0108  1001 MLE A CD1 
7  C CD2 . MLE A 1 ? 0.0253 0.0206 0.0236 -0.0046 -0.0106 0.0043  1001 MLE A CD2 
8  C C   . MLE A 1 ? 0.0147 0.0118 0.0087 -0.0031 -0.0005 -0.0017 1001 MLE A C   
9  O O   . MLE A 1 ? 0.0175 0.0301 0.0083 0.0014  0.0006  0.0012  1001 MLE A O   
10 N N   . PHE A 2 ? 0.0098 0.0152 0.0064 -0.0001 0.0002  -0.0009 1002 PHE A N   
11 C CA  . PHE A 2 ? 0.0097 0.0149 0.0076 -0.0019 -0.0018 -0.0012 1002 PHE A CA  
12 C C   . PHE A 2 ? 0.0084 0.0174 0.0079 -0.0001 -0.0002 -0.0015 1002 PHE A C   
13 O O   . PHE A 2 ? 0.0149 0.0237 0.0113 -0.0028 -0.0049 0.0025  1002 PHE A O   
14 C CB  . PHE A 2 ? 0.0138 0.0187 0.0114 -0.0044 -0.0046 -0.0001 1002 PHE A CB  
15 C CG  . PHE A 2 ? 0.0135 0.0204 0.0106 -0.0071 -0.0028 -0.0007 1002 PHE A CG  
16 C CD1 . PHE A 2 ? 0.0216 0.0243 0.0154 -0.0061 0.0028  -0.0026 1002 PHE A CD1 
17 C CD2 . PHE A 2 ? 0.0231 0.0209 0.0153 -0.0043 0.0036  0.0002  1002 PHE A CD2 
18 C CE1 . PHE A 2 ? 0.0279 0.0328 0.0145 -0.0096 0.0038  0.0033  1002 PHE A CE1 
19 C CE2 . PHE A 2 ? 0.0296 0.0215 0.0271 -0.0040 0.0036  0.0006  1002 PHE A CE2 
20 C CZ  . PHE A 2 ? 0.0246 0.0242 0.0242 -0.0097 -0.0040 0.0076  1002 PHE A CZ  
21 N N   . MLE A 3 ? 0.0130 0.0138 0.0079 -0.0022 -0.0008 0.0011  1003 MLE A N   
22 C CN  . MLE A 3 ? 0.0231 0.0153 0.0131 -0.0033 -0.0021 0.0038  1003 MLE A CN  
23 C CA  . MLE A 3 ? 0.0128 0.0136 0.0067 -0.0018 -0.0023 -0.0017 1003 MLE A CA  
24 C CB  . MLE A 3 ? 0.0140 0.0153 0.0137 -0.0040 -0.0004 -0.0039 1003 MLE A CB  
25 C CG  . MLE A 3 ? 0.0154 0.0180 0.0152 -0.0015 -0.0012 -0.0038 1003 MLE A CG  
26 C CD1 . MLE A 3 ? 0.0183 0.0258 0.0310 -0.0012 0.0088  -0.0035 1003 MLE A CD1 
27 C CD2 . MLE A 3 ? 0.0222 0.0220 0.0258 0.0025  -0.0002 -0.0097 1003 MLE A CD2 
28 C C   . MLE A 3 ? 0.0133 0.0116 0.0068 -0.0036 -0.0012 0.0013  1003 MLE A C   
29 O O   . MLE A 3 ? 0.0147 0.0210 0.0085 -0.0019 -0.0032 -0.0012 1003 MLE A O   
30 N N   . PHE A 4 ? 0.0096 0.0186 0.0064 -0.0027 -0.0011 0.0007  1004 PHE A N   
31 C CA  . PHE A 4 ? 0.0114 0.0184 0.0077 -0.0012 0.0008  0.0008  1004 PHE A CA  
32 C C   . PHE A 4 ? 0.0118 0.0231 0.0078 0.0011  -0.0010 -0.0021 1004 PHE A C   
33 O O   . PHE A 4 ? 0.0238 0.0320 0.0157 0.0031  0.0068  -0.0087 1004 PHE A O   
34 C CB  . PHE A 4 ? 0.0136 0.0299 0.0107 -0.0010 0.0042  0.0030  1004 PHE A CB  
35 C CG  . PHE A 4 ? 0.0170 0.0260 0.0151 -0.0058 0.0068  0.0041  1004 PHE A CG  
36 C CD1 . PHE A 4 ? 0.0292 0.0308 0.0190 -0.0071 0.0041  0.0017  1004 PHE A CD1 
37 C CD2 . PHE A 4 ? 0.0290 0.0342 0.0279 -0.0076 0.0001  0.0145  1004 PHE A CD2 
38 C CE1 . PHE A 4 ? 0.0552 0.0320 0.0310 -0.0157 0.0169  -0.0062 1004 PHE A CE1 
39 C CE2 . PHE A 4 ? 0.0432 0.0331 0.0531 -0.0023 0.0082  0.0263  1004 PHE A CE2 
40 C CZ  . PHE A 4 ? 0.0551 0.0238 0.0548 -0.0088 0.0307  0.0068  1004 PHE A CZ  
41 O O   . HOH B . ? 0.0153 0.0290 0.0091 0.0053  -0.0036 -0.0057 2001 HOH A O   
# 
